data_6P6G
#
_entry.id   6P6G
#
_cell.length_a   61.433
_cell.length_b   66.636
_cell.length_c   107.340
_cell.angle_alpha   90.000
_cell.angle_beta   90.000
_cell.angle_gamma   90.000
#
_symmetry.space_group_name_H-M   'P 21 21 21'
#
loop_
_entity.id
_entity.type
_entity.pdbx_description
1 polymer 'Histone-lysine N-methyltransferase SMYD3'
2 non-polymer 'ZINC ION'
3 non-polymer 'MAGNESIUM ION'
4 non-polymer GLYCEROL
5 non-polymer S-ADENOSYL-L-HOMOCYSTEINE
6 non-polymer 5-cyclopropyl-N-{1-[({trans-4-[(4,4,4-trifluorobutyl)amino]cyclohexyl}methyl)sulfonyl]piperidin-4-yl}-1,2-oxazole-3-carboxamide
7 water water
#
_entity_poly.entity_id   1
_entity_poly.type   'polypeptide(L)'
_entity_poly.pdbx_seq_one_letter_code
;GSFTMEPLKVEKFATANRGNGLRAVTPLRPGELLFRSDPLAYTVCKGSRGVVCDRCLLGKEKLMRCSQCRVAKYCSAKCQ
KKAWPDHKRECKCLKSCKPRYPPDSVRLLGRVVFKLMDGAPSESEKLYSFYDLESNINKLTEDKKEGLRQLVMTFQHFMR
EEIQDASQLPPAFDLFEAFAKVICNSFTICNAEMQEVGVGLYPSISLLNHSCDPNCSIVFNGPHLLLRAVRDIEVGEELT
ICYLDMLMTSEERRKQLRDQYCFECDCFRCQTQDKDADMLTGDEQVWKEVQESLKKIEELKAHWKWEQVLAMCQAIISSN
SERLPDINIYQLKVLDCAMDACINLGLLEEALFYGTRTMEPYRIFFPGSHPVRGVQVMKVGKLQLHQGMFPQAMKNLRLA
FDIMRVTHGREHSLIEDLILLLEECDANIRAS
;
_entity_poly.pdbx_strand_id   A
#
# COMPACT_ATOMS: atom_id res chain seq x y z
N PRO A 7 -13.17 2.86 -24.62
CA PRO A 7 -12.16 3.83 -25.02
C PRO A 7 -11.26 4.27 -23.86
N LEU A 8 -10.01 3.84 -23.90
CA LEU A 8 -9.09 4.16 -22.81
C LEU A 8 -8.69 5.63 -22.87
N LYS A 9 -8.48 6.20 -21.69
CA LYS A 9 -8.00 7.57 -21.57
C LYS A 9 -6.49 7.64 -21.42
N VAL A 10 -5.82 6.48 -21.41
CA VAL A 10 -4.38 6.38 -21.20
C VAL A 10 -3.78 5.48 -22.26
N GLU A 11 -2.48 5.64 -22.49
CA GLU A 11 -1.78 4.79 -23.45
C GLU A 11 -0.33 4.61 -23.03
N LYS A 12 0.20 3.42 -23.33
CA LYS A 12 1.63 3.16 -23.15
C LYS A 12 2.44 3.98 -24.15
N PHE A 13 3.62 4.44 -23.73
CA PHE A 13 4.55 5.07 -24.65
C PHE A 13 5.97 4.87 -24.16
N ALA A 14 6.92 5.15 -25.04
CA ALA A 14 8.34 5.05 -24.72
C ALA A 14 8.84 6.42 -24.30
N THR A 15 9.25 6.55 -23.04
CA THR A 15 9.79 7.82 -22.58
C THR A 15 11.21 8.01 -23.10
N ALA A 16 11.72 9.23 -22.93
CA ALA A 16 13.06 9.54 -23.42
C ALA A 16 14.13 8.91 -22.54
N ASN A 17 13.90 8.83 -21.22
CA ASN A 17 14.96 8.32 -20.35
C ASN A 17 14.44 7.57 -19.13
N ARG A 18 13.19 7.11 -19.14
CA ARG A 18 12.64 6.38 -18.01
C ARG A 18 12.04 5.04 -18.44
N GLY A 19 12.46 4.49 -19.57
CA GLY A 19 11.83 3.27 -20.04
C GLY A 19 10.45 3.54 -20.61
N ASN A 20 9.54 2.58 -20.43
CA ASN A 20 8.18 2.80 -20.86
C ASN A 20 7.41 3.60 -19.81
N GLY A 21 6.32 4.22 -20.23
CA GLY A 21 5.47 4.98 -19.33
C GLY A 21 4.04 4.98 -19.82
N LEU A 22 3.21 5.72 -19.09
CA LEU A 22 1.80 5.91 -19.41
C LEU A 22 1.54 7.39 -19.59
N ARG A 23 0.77 7.77 -20.61
CA ARG A 23 0.45 9.16 -20.85
C ARG A 23 -1.04 9.30 -21.18
N ALA A 24 -1.55 10.51 -21.01
CA ALA A 24 -2.97 10.78 -21.22
C ALA A 24 -3.28 10.88 -22.70
N VAL A 25 -4.39 10.25 -23.10
CA VAL A 25 -4.91 10.38 -24.45
C VAL A 25 -5.91 11.54 -24.56
N THR A 26 -6.61 11.84 -23.48
CA THR A 26 -7.59 12.91 -23.38
C THR A 26 -7.24 13.82 -22.22
N PRO A 27 -7.71 15.07 -22.22
CA PRO A 27 -7.53 15.91 -21.04
C PRO A 27 -8.19 15.26 -19.83
N LEU A 28 -7.51 15.31 -18.69
CA LEU A 28 -7.99 14.65 -17.48
C LEU A 28 -8.17 15.68 -16.38
N ARG A 29 -9.19 15.46 -15.56
CA ARG A 29 -9.51 16.33 -14.43
C ARG A 29 -9.36 15.57 -13.12
N PRO A 30 -9.12 16.27 -12.01
CA PRO A 30 -8.99 15.59 -10.72
C PRO A 30 -10.19 14.70 -10.41
N GLY A 31 -9.88 13.48 -9.95
CA GLY A 31 -10.88 12.50 -9.61
C GLY A 31 -11.27 11.56 -10.74
N GLU A 32 -10.86 11.85 -11.97
CA GLU A 32 -11.27 11.03 -13.10
C GLU A 32 -10.65 9.64 -13.00
N LEU A 33 -11.47 8.61 -13.16
CA LEU A 33 -11.00 7.23 -13.13
C LEU A 33 -10.27 6.92 -14.44
N LEU A 34 -9.04 6.44 -14.32
CA LEU A 34 -8.21 6.20 -15.49
C LEU A 34 -8.04 4.72 -15.82
N PHE A 35 -8.05 3.87 -14.81
CA PHE A 35 -7.88 2.44 -15.02
C PHE A 35 -8.29 1.76 -13.74
N ARG A 36 -8.83 0.55 -13.87
CA ARG A 36 -9.10 -0.27 -12.70
C ARG A 36 -8.65 -1.68 -13.01
N SER A 37 -8.18 -2.37 -11.98
CA SER A 37 -7.54 -3.65 -12.24
C SER A 37 -7.59 -4.55 -11.02
N ASP A 38 -7.91 -5.82 -11.26
CA ASP A 38 -7.58 -6.88 -10.31
C ASP A 38 -6.11 -7.25 -10.49
N PRO A 39 -5.51 -7.92 -9.51
CA PRO A 39 -4.11 -8.34 -9.67
C PRO A 39 -3.98 -9.45 -10.72
N LEU A 40 -2.83 -9.46 -11.38
CA LEU A 40 -2.40 -10.69 -12.04
C LEU A 40 -2.30 -11.82 -11.02
N ALA A 41 -1.73 -11.51 -9.87
CA ALA A 41 -1.54 -12.42 -8.75
C ALA A 41 -1.32 -11.59 -7.50
N TYR A 42 -1.74 -12.13 -6.36
CA TYR A 42 -1.57 -11.44 -5.10
C TYR A 42 -1.59 -12.44 -3.95
N THR A 43 -1.01 -12.02 -2.82
CA THR A 43 -1.12 -12.83 -1.61
C THR A 43 -1.22 -11.92 -0.39
N VAL A 44 -1.70 -12.49 0.71
CA VAL A 44 -1.69 -11.78 1.98
C VAL A 44 -0.24 -11.57 2.40
N CYS A 45 0.03 -10.48 3.10
CA CYS A 45 1.38 -10.15 3.54
CA CYS A 45 1.40 -10.23 3.49
C CYS A 45 1.71 -10.85 4.85
N LYS A 46 3.01 -10.92 5.14
CA LYS A 46 3.54 -11.65 6.30
C LYS A 46 2.79 -11.28 7.58
N GLY A 47 2.64 -9.99 7.85
CA GLY A 47 2.04 -9.56 9.10
C GLY A 47 0.55 -9.83 9.19
N SER A 48 -0.14 -9.85 8.06
CA SER A 48 -1.59 -9.97 8.05
C SER A 48 -2.05 -11.40 7.83
N ARG A 49 -1.13 -12.32 7.55
CA ARG A 49 -1.50 -13.72 7.38
C ARG A 49 -2.21 -14.24 8.62
N GLY A 50 -3.36 -14.86 8.41
CA GLY A 50 -4.16 -15.33 9.53
C GLY A 50 -4.92 -14.26 10.28
N VAL A 51 -4.79 -13.00 9.88
CA VAL A 51 -5.58 -11.92 10.45
C VAL A 51 -6.68 -11.46 9.49
N VAL A 52 -6.37 -11.40 8.19
CA VAL A 52 -7.34 -11.00 7.18
C VAL A 52 -7.58 -12.18 6.25
N CYS A 53 -8.71 -12.12 5.55
CA CYS A 53 -9.05 -13.15 4.59
C CYS A 53 -8.07 -13.18 3.43
N ASP A 54 -7.58 -14.39 3.12
CA ASP A 54 -6.68 -14.58 1.97
C ASP A 54 -7.26 -13.98 0.69
N ARG A 55 -8.56 -14.09 0.50
CA ARG A 55 -9.16 -13.66 -0.75
C ARG A 55 -9.52 -12.16 -0.74
N CYS A 56 -10.42 -11.75 0.15
CA CYS A 56 -10.93 -10.38 0.07
C CYS A 56 -10.12 -9.39 0.91
N LEU A 57 -9.17 -9.87 1.71
CA LEU A 57 -8.22 -9.05 2.47
C LEU A 57 -8.93 -8.20 3.53
N LEU A 58 -10.07 -8.66 4.01
CA LEU A 58 -10.79 -8.02 5.11
C LEU A 58 -10.51 -8.75 6.41
N GLY A 59 -10.43 -8.00 7.50
CA GLY A 59 -10.19 -8.58 8.80
C GLY A 59 -11.47 -9.14 9.41
N LYS A 60 -11.31 -10.24 10.15
CA LYS A 60 -12.42 -10.86 10.85
C LYS A 60 -11.93 -11.40 12.19
N GLU A 61 -12.83 -11.44 13.17
CA GLU A 61 -12.46 -11.93 14.50
C GLU A 61 -12.08 -13.39 14.47
N LYS A 62 -12.73 -14.20 13.62
CA LYS A 62 -12.39 -15.60 13.46
C LYS A 62 -12.38 -15.94 11.98
N LEU A 63 -11.33 -16.62 11.54
CA LEU A 63 -11.18 -17.04 10.15
C LEU A 63 -11.21 -18.57 10.06
N MET A 64 -11.76 -19.06 8.95
CA MET A 64 -11.73 -20.48 8.62
C MET A 64 -10.46 -20.81 7.86
N ARG A 65 -9.77 -21.87 8.25
CA ARG A 65 -8.53 -22.24 7.58
C ARG A 65 -8.77 -23.33 6.54
N CYS A 66 -7.95 -23.29 5.48
CA CYS A 66 -7.95 -24.38 4.52
C CYS A 66 -7.53 -25.66 5.21
N SER A 67 -8.34 -26.71 5.06
CA SER A 67 -8.06 -27.91 5.82
C SER A 67 -6.82 -28.63 5.32
N GLN A 68 -6.52 -28.51 4.02
CA GLN A 68 -5.40 -29.27 3.46
C GLN A 68 -4.06 -28.67 3.88
N CYS A 69 -3.90 -27.34 3.76
CA CYS A 69 -2.62 -26.73 4.11
C CYS A 69 -2.63 -26.05 5.47
N ARG A 70 -3.79 -25.56 5.93
CA ARG A 70 -3.94 -24.85 7.19
C ARG A 70 -3.13 -23.56 7.25
N VAL A 71 -2.72 -23.06 6.09
CA VAL A 71 -2.04 -21.77 5.99
C VAL A 71 -2.99 -20.71 5.44
N ALA A 72 -3.70 -21.02 4.36
CA ALA A 72 -4.69 -20.09 3.83
C ALA A 72 -5.86 -20.01 4.79
N LYS A 73 -6.35 -18.79 5.03
CA LYS A 73 -7.47 -18.58 5.94
C LYS A 73 -8.44 -17.60 5.31
N TYR A 74 -9.72 -17.79 5.60
CA TYR A 74 -10.78 -17.13 4.86
C TYR A 74 -11.87 -16.62 5.79
N CYS A 75 -12.59 -15.60 5.32
CA CYS A 75 -13.65 -14.97 6.08
C CYS A 75 -14.95 -15.76 6.05
N SER A 76 -15.10 -16.65 5.08
CA SER A 76 -16.39 -17.22 4.74
C SER A 76 -16.17 -18.42 3.85
N ALA A 77 -17.14 -19.32 3.84
CA ALA A 77 -17.09 -20.42 2.88
C ALA A 77 -17.04 -19.89 1.45
N LYS A 78 -17.72 -18.77 1.19
CA LYS A 78 -17.72 -18.19 -0.15
C LYS A 78 -16.31 -17.83 -0.58
N CYS A 79 -15.57 -17.13 0.27
CA CYS A 79 -14.20 -16.73 -0.09
C CYS A 79 -13.28 -17.94 -0.20
N GLN A 80 -13.43 -18.92 0.69
CA GLN A 80 -12.58 -20.11 0.62
C GLN A 80 -12.82 -20.87 -0.68
N LYS A 81 -14.08 -21.02 -1.06
CA LYS A 81 -14.39 -21.76 -2.29
C LYS A 81 -14.00 -20.96 -3.53
N LYS A 82 -14.28 -19.65 -3.53
CA LYS A 82 -13.93 -18.84 -4.69
C LYS A 82 -12.41 -18.76 -4.87
N ALA A 83 -11.65 -18.85 -3.77
CA ALA A 83 -10.20 -18.80 -3.85
C ALA A 83 -9.58 -20.12 -4.28
N TRP A 84 -10.36 -21.20 -4.35
CA TRP A 84 -9.74 -22.52 -4.54
C TRP A 84 -8.97 -22.64 -5.85
N PRO A 85 -9.51 -22.25 -7.01
CA PRO A 85 -8.70 -22.38 -8.24
C PRO A 85 -7.34 -21.73 -8.16
N ASP A 86 -7.23 -20.52 -7.59
CA ASP A 86 -5.93 -19.86 -7.51
C ASP A 86 -5.10 -20.34 -6.31
N HIS A 87 -5.67 -21.15 -5.43
CA HIS A 87 -4.97 -21.67 -4.27
C HIS A 87 -4.57 -23.14 -4.43
N LYS A 88 -5.19 -23.86 -5.38
CA LYS A 88 -5.10 -25.32 -5.44
C LYS A 88 -3.66 -25.80 -5.52
N ARG A 89 -2.86 -25.21 -6.42
CA ARG A 89 -1.51 -25.73 -6.60
C ARG A 89 -0.57 -25.26 -5.49
N GLU A 90 -0.73 -24.01 -5.02
CA GLU A 90 0.12 -23.56 -3.92
C GLU A 90 -0.19 -24.32 -2.64
N CYS A 91 -1.41 -24.85 -2.53
CA CYS A 91 -1.80 -25.55 -1.31
C CYS A 91 -0.89 -26.74 -1.02
N LYS A 92 -0.61 -27.56 -2.04
CA LYS A 92 0.26 -28.70 -1.86
C LYS A 92 1.70 -28.28 -1.54
N CYS A 93 2.14 -27.14 -2.07
CA CYS A 93 3.48 -26.65 -1.76
C CYS A 93 3.54 -26.13 -0.33
N LEU A 94 2.54 -25.35 0.09
CA LEU A 94 2.52 -24.83 1.45
C LEU A 94 2.46 -25.96 2.47
N LYS A 95 1.67 -27.00 2.19
CA LYS A 95 1.60 -28.15 3.10
C LYS A 95 2.94 -28.88 3.15
N SER A 96 3.58 -29.05 2.00
CA SER A 96 4.86 -29.75 1.95
C SER A 96 5.96 -28.96 2.67
N CYS A 97 5.85 -27.62 2.70
CA CYS A 97 6.87 -26.78 3.30
C CYS A 97 6.68 -26.54 4.79
N LYS A 98 5.56 -26.99 5.35
CA LYS A 98 5.31 -26.75 6.77
C LYS A 98 6.40 -27.39 7.62
N PRO A 99 6.84 -26.75 8.72
CA PRO A 99 6.33 -25.49 9.25
C PRO A 99 6.99 -24.23 8.66
N ARG A 100 7.81 -24.40 7.63
CA ARG A 100 8.49 -23.26 7.03
C ARG A 100 7.56 -22.53 6.07
N TYR A 101 7.45 -21.21 6.23
CA TYR A 101 6.64 -20.36 5.36
C TYR A 101 7.53 -19.51 4.48
N PRO A 102 7.23 -19.39 3.19
CA PRO A 102 8.13 -18.71 2.26
C PRO A 102 8.07 -17.21 2.39
N PRO A 103 9.07 -16.49 1.89
CA PRO A 103 8.96 -15.03 1.76
C PRO A 103 7.75 -14.67 0.91
N ASP A 104 7.17 -13.49 1.18
CA ASP A 104 6.00 -13.07 0.43
C ASP A 104 6.27 -13.08 -1.07
N SER A 105 7.46 -12.64 -1.50
CA SER A 105 7.78 -12.58 -2.91
C SER A 105 7.76 -13.96 -3.54
N VAL A 106 8.15 -14.99 -2.78
CA VAL A 106 8.18 -16.34 -3.31
C VAL A 106 6.77 -16.89 -3.46
N ARG A 107 5.90 -16.66 -2.46
CA ARG A 107 4.51 -17.05 -2.58
C ARG A 107 3.85 -16.30 -3.74
N LEU A 108 4.17 -15.01 -3.87
CA LEU A 108 3.64 -14.23 -4.98
C LEU A 108 4.05 -14.80 -6.33
N LEU A 109 5.35 -15.07 -6.53
CA LEU A 109 5.77 -15.58 -7.82
C LEU A 109 5.20 -16.95 -8.11
N GLY A 110 4.98 -17.77 -7.08
CA GLY A 110 4.28 -19.02 -7.30
C GLY A 110 2.91 -18.79 -7.92
N ARG A 111 2.16 -17.84 -7.37
CA ARG A 111 0.86 -17.51 -7.94
C ARG A 111 0.95 -16.94 -9.34
N VAL A 112 2.01 -16.16 -9.64
CA VAL A 112 2.20 -15.70 -11.01
C VAL A 112 2.34 -16.87 -11.95
N VAL A 113 3.18 -17.84 -11.57
CA VAL A 113 3.46 -18.96 -12.45
C VAL A 113 2.20 -19.77 -12.71
N PHE A 114 1.43 -20.05 -11.65
CA PHE A 114 0.22 -20.85 -11.83
C PHE A 114 -0.80 -20.10 -12.67
N LYS A 115 -0.92 -18.78 -12.46
CA LYS A 115 -1.83 -17.98 -13.28
C LYS A 115 -1.41 -18.02 -14.75
N LEU A 116 -0.11 -17.86 -15.03
CA LEU A 116 0.33 -17.85 -16.41
C LEU A 116 0.27 -19.23 -17.06
N MET A 117 0.42 -20.29 -16.27
CA MET A 117 0.37 -21.63 -16.84
C MET A 117 -1.06 -22.12 -17.03
N ASP A 118 -1.95 -21.83 -16.08
CA ASP A 118 -3.25 -22.47 -16.00
C ASP A 118 -4.42 -21.53 -16.27
N GLY A 119 -4.20 -20.22 -16.26
CA GLY A 119 -5.28 -19.26 -16.42
C GLY A 119 -5.35 -18.65 -17.81
N ALA A 120 -6.55 -18.24 -18.19
CA ALA A 120 -6.75 -17.49 -19.41
C ALA A 120 -6.00 -16.16 -19.31
N PRO A 121 -5.72 -15.52 -20.45
CA PRO A 121 -5.05 -14.22 -20.42
C PRO A 121 -5.78 -13.26 -19.49
N SER A 122 -5.01 -12.57 -18.67
CA SER A 122 -5.53 -11.75 -17.58
C SER A 122 -5.79 -10.33 -18.05
N GLU A 123 -6.96 -9.78 -17.69
CA GLU A 123 -7.24 -8.39 -18.02
C GLU A 123 -6.23 -7.45 -17.37
N SER A 124 -5.60 -7.87 -16.27
CA SER A 124 -4.56 -7.07 -15.62
C SER A 124 -3.40 -6.77 -16.56
N GLU A 125 -3.21 -7.57 -17.61
CA GLU A 125 -2.09 -7.40 -18.52
C GLU A 125 -2.49 -6.70 -19.81
N LYS A 126 -3.61 -5.96 -19.81
CA LYS A 126 -4.13 -5.39 -21.06
C LYS A 126 -3.12 -4.45 -21.71
N LEU A 127 -2.46 -3.60 -20.92
CA LEU A 127 -1.54 -2.62 -21.49
C LEU A 127 -0.08 -3.07 -21.48
N TYR A 128 0.27 -4.07 -20.68
CA TYR A 128 1.63 -4.41 -20.31
C TYR A 128 1.56 -5.70 -19.53
N SER A 129 2.48 -6.62 -19.80
CA SER A 129 2.38 -7.96 -19.22
C SER A 129 3.56 -8.24 -18.29
N PHE A 130 3.44 -9.33 -17.53
CA PHE A 130 4.57 -9.74 -16.71
C PHE A 130 5.83 -9.90 -17.54
N TYR A 131 5.68 -10.41 -18.77
CA TYR A 131 6.80 -10.59 -19.68
C TYR A 131 7.46 -9.26 -20.02
N ASP A 132 6.70 -8.17 -20.03
CA ASP A 132 7.23 -6.86 -20.40
C ASP A 132 7.88 -6.11 -19.25
N LEU A 133 7.66 -6.54 -18.00
CA LEU A 133 8.03 -5.72 -16.85
C LEU A 133 9.52 -5.45 -16.80
N GLU A 134 9.86 -4.30 -16.25
CA GLU A 134 11.25 -3.90 -16.06
C GLU A 134 11.89 -4.79 -15.00
N SER A 135 13.11 -5.26 -15.29
CA SER A 135 13.89 -6.06 -14.35
C SER A 135 15.08 -5.30 -13.77
N ASN A 136 15.56 -4.27 -14.47
CA ASN A 136 16.75 -3.49 -14.06
C ASN A 136 17.96 -4.37 -13.83
N ILE A 137 18.06 -5.50 -14.52
CA ILE A 137 19.11 -6.45 -14.17
C ILE A 137 20.49 -5.85 -14.40
N ASN A 138 20.67 -5.01 -15.44
CA ASN A 138 22.02 -4.48 -15.62
C ASN A 138 22.37 -3.35 -14.65
N LYS A 139 21.45 -2.97 -13.77
CA LYS A 139 21.76 -2.01 -12.72
C LYS A 139 21.95 -2.66 -11.35
N LEU A 140 21.78 -3.96 -11.24
CA LEU A 140 21.86 -4.61 -9.94
C LEU A 140 23.31 -4.74 -9.50
N THR A 141 23.57 -4.38 -8.25
CA THR A 141 24.86 -4.66 -7.64
C THR A 141 24.97 -6.15 -7.32
N GLU A 142 26.21 -6.59 -7.06
CA GLU A 142 26.44 -8.00 -6.79
C GLU A 142 25.68 -8.48 -5.57
N ASP A 143 25.56 -7.62 -4.55
CA ASP A 143 24.83 -8.04 -3.34
C ASP A 143 23.36 -8.30 -3.67
N LYS A 144 22.77 -7.48 -4.53
CA LYS A 144 21.38 -7.69 -4.95
C LYS A 144 21.24 -8.96 -5.78
N LYS A 145 22.19 -9.21 -6.69
CA LYS A 145 22.13 -10.44 -7.48
C LYS A 145 22.20 -11.66 -6.59
N GLU A 146 23.06 -11.62 -5.57
CA GLU A 146 23.14 -12.73 -4.62
C GLU A 146 21.82 -12.96 -3.91
N GLY A 147 21.17 -11.89 -3.47
CA GLY A 147 19.88 -12.04 -2.83
C GLY A 147 18.84 -12.65 -3.75
N LEU A 148 18.87 -12.26 -5.02
CA LEU A 148 17.93 -12.83 -5.99
C LEU A 148 18.20 -14.30 -6.22
N ARG A 149 19.48 -14.69 -6.23
CA ARG A 149 19.81 -16.11 -6.37
C ARG A 149 19.28 -16.92 -5.19
N GLN A 150 19.31 -16.36 -3.98
CA GLN A 150 18.75 -17.07 -2.85
C GLN A 150 17.23 -17.18 -2.96
N LEU A 151 16.56 -16.14 -3.48
CA LEU A 151 15.12 -16.24 -3.70
C LEU A 151 14.80 -17.31 -4.74
N VAL A 152 15.60 -17.39 -5.80
CA VAL A 152 15.40 -18.44 -6.80
C VAL A 152 15.47 -19.82 -6.15
N MET A 153 16.50 -20.05 -5.34
CA MET A 153 16.64 -21.35 -4.70
C MET A 153 15.52 -21.58 -3.69
N THR A 154 15.04 -20.53 -3.02
CA THR A 154 13.91 -20.68 -2.13
C THR A 154 12.66 -21.08 -2.89
N PHE A 155 12.46 -20.48 -4.07
CA PHE A 155 11.30 -20.82 -4.90
C PHE A 155 11.37 -22.27 -5.36
N GLN A 156 12.56 -22.72 -5.79
CA GLN A 156 12.70 -24.09 -6.26
C GLN A 156 12.38 -25.08 -5.16
N HIS A 157 12.78 -24.77 -3.92
CA HIS A 157 12.46 -25.62 -2.78
C HIS A 157 10.96 -25.58 -2.48
N PHE A 158 10.38 -24.38 -2.43
CA PHE A 158 8.98 -24.23 -2.03
C PHE A 158 8.04 -24.90 -3.02
N MET A 159 8.36 -24.81 -4.31
CA MET A 159 7.44 -25.22 -5.38
C MET A 159 7.70 -26.63 -5.89
N ARG A 160 8.61 -27.38 -5.27
CA ARG A 160 9.08 -28.62 -5.87
C ARG A 160 7.93 -29.62 -6.07
N GLU A 161 6.90 -29.58 -5.23
CA GLU A 161 5.77 -30.49 -5.39
C GLU A 161 4.99 -30.24 -6.68
N GLU A 162 4.97 -28.99 -7.16
CA GLU A 162 4.18 -28.64 -8.32
C GLU A 162 4.99 -28.32 -9.56
N ILE A 163 6.24 -27.90 -9.40
CA ILE A 163 7.10 -27.50 -10.51
C ILE A 163 8.43 -28.19 -10.31
N GLN A 164 8.75 -29.16 -11.17
CA GLN A 164 10.00 -29.88 -11.07
C GLN A 164 11.00 -29.55 -12.17
N ASP A 165 10.53 -29.05 -13.31
CA ASP A 165 11.42 -28.69 -14.42
C ASP A 165 10.83 -27.53 -15.18
N ALA A 166 11.50 -27.15 -16.27
CA ALA A 166 11.14 -25.96 -17.04
C ALA A 166 9.88 -26.15 -17.88
N SER A 167 9.51 -27.39 -18.22
CA SER A 167 8.29 -27.59 -18.99
C SER A 167 7.05 -27.16 -18.22
N GLN A 168 7.16 -27.02 -16.90
CA GLN A 168 6.06 -26.56 -16.06
C GLN A 168 6.10 -25.06 -15.80
N LEU A 169 7.11 -24.36 -16.34
CA LEU A 169 7.19 -22.91 -16.34
C LEU A 169 6.82 -22.36 -17.71
N PRO A 170 6.38 -21.11 -17.80
CA PRO A 170 6.04 -20.52 -19.09
C PRO A 170 7.24 -20.56 -20.03
N PRO A 171 7.01 -20.44 -21.35
CA PRO A 171 8.13 -20.55 -22.30
C PRO A 171 9.21 -19.50 -22.02
N ALA A 172 10.46 -19.96 -21.98
CA ALA A 172 11.63 -19.10 -21.77
C ALA A 172 11.54 -18.33 -20.45
N PHE A 173 10.88 -18.91 -19.45
CA PHE A 173 10.76 -18.29 -18.13
C PHE A 173 12.06 -18.44 -17.36
N ASP A 174 12.61 -17.32 -16.90
CA ASP A 174 13.85 -17.31 -16.14
C ASP A 174 13.52 -16.83 -14.73
N LEU A 175 13.81 -17.65 -13.72
CA LEU A 175 13.38 -17.35 -12.36
C LEU A 175 14.14 -16.17 -11.77
N PHE A 176 15.43 -16.04 -12.10
CA PHE A 176 16.20 -14.89 -11.64
C PHE A 176 15.60 -13.59 -12.18
N GLU A 177 15.32 -13.56 -13.48
CA GLU A 177 14.69 -12.40 -14.09
C GLU A 177 13.30 -12.16 -13.51
N ALA A 178 12.56 -13.23 -13.24
CA ALA A 178 11.21 -13.06 -12.69
C ALA A 178 11.25 -12.43 -11.31
N PHE A 179 12.20 -12.85 -10.45
CA PHE A 179 12.30 -12.22 -9.14
C PHE A 179 12.78 -10.77 -9.25
N ALA A 180 13.69 -10.50 -10.18
CA ALA A 180 14.08 -9.11 -10.41
C ALA A 180 12.86 -8.25 -10.76
N LYS A 181 11.96 -8.79 -11.59
CA LYS A 181 10.74 -8.06 -11.92
C LYS A 181 9.83 -7.92 -10.70
N VAL A 182 9.75 -8.97 -9.87
CA VAL A 182 8.89 -8.90 -8.69
C VAL A 182 9.37 -7.81 -7.76
N ILE A 183 10.69 -7.71 -7.54
CA ILE A 183 11.21 -6.72 -6.59
C ILE A 183 10.82 -5.31 -7.00
N CYS A 184 10.95 -4.97 -8.27
CA CYS A 184 10.71 -3.58 -8.62
CA CYS A 184 10.75 -3.63 -8.79
C CYS A 184 9.29 -3.33 -9.14
N ASN A 185 8.42 -4.34 -9.16
CA ASN A 185 7.06 -4.11 -9.63
C ASN A 185 5.96 -4.55 -8.66
N SER A 186 6.32 -4.94 -7.43
CA SER A 186 5.31 -5.32 -6.45
C SER A 186 4.59 -4.11 -5.91
N PHE A 187 3.26 -4.23 -5.77
CA PHE A 187 2.43 -3.22 -5.14
C PHE A 187 2.04 -3.66 -3.74
N THR A 188 2.14 -2.74 -2.78
CA THR A 188 1.70 -3.00 -1.42
C THR A 188 0.20 -2.69 -1.33
N ILE A 189 -0.61 -3.74 -1.16
CA ILE A 189 -2.06 -3.60 -1.10
C ILE A 189 -2.44 -3.16 0.30
N CYS A 190 -3.23 -2.07 0.41
CA CYS A 190 -3.61 -1.49 1.69
C CYS A 190 -5.12 -1.60 1.89
N ASN A 191 -5.54 -1.85 3.12
CA ASN A 191 -6.98 -1.94 3.36
C ASN A 191 -7.56 -0.53 3.46
N ALA A 192 -8.87 -0.46 3.73
CA ALA A 192 -9.57 0.83 3.76
C ALA A 192 -8.96 1.80 4.75
N GLU A 193 -8.40 1.30 5.84
CA GLU A 193 -7.78 2.08 6.90
C GLU A 193 -6.30 2.35 6.64
N MET A 194 -5.80 1.95 5.45
CA MET A 194 -4.42 2.15 5.02
C MET A 194 -3.42 1.28 5.77
N GLN A 195 -3.90 0.18 6.35
CA GLN A 195 -3.03 -0.88 6.86
C GLN A 195 -2.56 -1.74 5.71
N GLU A 196 -1.25 -2.00 5.64
CA GLU A 196 -0.73 -2.92 4.63
C GLU A 196 -1.24 -4.33 4.91
N VAL A 197 -1.86 -4.96 3.90
CA VAL A 197 -2.45 -6.30 4.10
C VAL A 197 -2.06 -7.29 3.01
N GLY A 198 -1.46 -6.82 1.92
CA GLY A 198 -1.13 -7.77 0.86
C GLY A 198 -0.07 -7.23 -0.08
N VAL A 199 0.33 -8.09 -1.02
CA VAL A 199 1.27 -7.71 -2.08
C VAL A 199 0.77 -8.31 -3.37
N GLY A 200 0.80 -7.52 -4.44
CA GLY A 200 0.29 -8.01 -5.72
C GLY A 200 1.05 -7.42 -6.89
N LEU A 201 0.85 -8.05 -8.05
CA LEU A 201 1.37 -7.56 -9.32
C LEU A 201 0.18 -7.08 -10.15
N TYR A 202 0.32 -5.89 -10.73
CA TYR A 202 -0.68 -5.26 -11.58
C TYR A 202 0.07 -4.74 -12.80
N PRO A 203 0.34 -5.61 -13.77
CA PRO A 203 1.33 -5.25 -14.81
C PRO A 203 0.95 -4.01 -15.63
N SER A 204 -0.34 -3.77 -15.89
CA SER A 204 -0.70 -2.56 -16.62
C SER A 204 -0.44 -1.32 -15.80
N ILE A 205 -0.70 -1.37 -14.50
CA ILE A 205 -0.43 -0.25 -13.61
C ILE A 205 1.06 -0.03 -13.47
N SER A 206 1.87 -1.08 -13.68
CA SER A 206 3.31 -0.94 -13.60
C SER A 206 3.88 0.00 -14.66
N LEU A 207 3.10 0.43 -15.64
CA LEU A 207 3.60 1.41 -16.60
C LEU A 207 3.83 2.78 -15.98
N LEU A 208 3.24 3.05 -14.82
CA LEU A 208 3.34 4.38 -14.23
C LEU A 208 4.72 4.61 -13.64
N ASN A 209 5.41 5.64 -14.12
CA ASN A 209 6.65 6.04 -13.50
C ASN A 209 6.38 6.87 -12.24
N HIS A 210 7.44 7.06 -11.46
CA HIS A 210 7.39 7.69 -10.14
C HIS A 210 7.58 9.19 -10.19
N SER A 211 6.83 9.91 -9.34
CA SER A 211 7.15 11.27 -8.99
C SER A 211 6.94 11.48 -7.50
N CYS A 212 7.80 12.30 -6.88
CA CYS A 212 7.57 12.73 -5.50
C CYS A 212 6.51 13.81 -5.41
N ASP A 213 6.01 14.27 -6.55
CA ASP A 213 4.86 15.19 -6.61
C ASP A 213 3.99 14.78 -7.80
N PRO A 214 3.22 13.71 -7.65
CA PRO A 214 2.62 13.05 -8.82
C PRO A 214 1.30 13.70 -9.25
N ASN A 215 0.88 13.34 -10.47
CA ASN A 215 -0.41 13.83 -10.96
C ASN A 215 -1.50 12.77 -10.92
N CYS A 216 -1.19 11.53 -10.52
CA CYS A 216 -2.18 10.48 -10.32
C CYS A 216 -1.96 9.80 -8.97
N SER A 217 -2.93 8.96 -8.60
CA SER A 217 -2.89 8.23 -7.34
C SER A 217 -3.60 6.90 -7.52
N ILE A 218 -3.13 5.89 -6.80
CA ILE A 218 -3.81 4.59 -6.76
C ILE A 218 -4.35 4.37 -5.35
N VAL A 219 -5.45 3.62 -5.28
CA VAL A 219 -6.05 3.24 -4.01
C VAL A 219 -6.59 1.82 -4.18
N PHE A 220 -6.59 1.07 -3.09
CA PHE A 220 -7.05 -0.31 -3.10
C PHE A 220 -8.40 -0.43 -2.43
N ASN A 221 -9.27 -1.26 -3.01
CA ASN A 221 -10.55 -1.66 -2.43
C ASN A 221 -10.51 -3.18 -2.44
N GLY A 222 -10.14 -3.78 -1.32
CA GLY A 222 -9.69 -5.16 -1.35
C GLY A 222 -8.52 -5.29 -2.30
N PRO A 223 -8.46 -6.41 -3.04
CA PRO A 223 -7.39 -6.56 -4.05
C PRO A 223 -7.56 -5.66 -5.26
N HIS A 224 -8.71 -5.00 -5.41
CA HIS A 224 -8.98 -4.21 -6.59
C HIS A 224 -8.29 -2.86 -6.48
N LEU A 225 -7.67 -2.43 -7.58
CA LEU A 225 -6.89 -1.20 -7.65
C LEU A 225 -7.60 -0.18 -8.55
N LEU A 226 -7.72 1.05 -8.06
CA LEU A 226 -8.28 2.14 -8.85
C LEU A 226 -7.20 3.18 -9.10
N LEU A 227 -7.02 3.58 -10.35
CA LEU A 227 -6.08 4.62 -10.75
C LEU A 227 -6.87 5.86 -11.10
N ARG A 228 -6.55 6.99 -10.45
CA ARG A 228 -7.29 8.23 -10.66
C ARG A 228 -6.33 9.39 -10.85
N ALA A 229 -6.74 10.35 -11.68
CA ALA A 229 -6.03 11.62 -11.74
C ALA A 229 -6.28 12.42 -10.46
N VAL A 230 -5.24 13.10 -9.97
CA VAL A 230 -5.40 13.99 -8.84
C VAL A 230 -4.99 15.42 -9.16
N ARG A 231 -4.64 15.68 -10.42
CA ARG A 231 -4.38 17.02 -10.95
C ARG A 231 -5.03 17.12 -12.32
N ASP A 232 -5.11 18.35 -12.85
CA ASP A 232 -5.37 18.51 -14.26
C ASP A 232 -4.20 17.96 -15.07
N ILE A 233 -4.51 17.22 -16.13
CA ILE A 233 -3.50 16.61 -16.99
C ILE A 233 -3.87 16.87 -18.44
N GLU A 234 -2.88 17.25 -19.24
CA GLU A 234 -3.08 17.56 -20.65
C GLU A 234 -2.81 16.33 -21.51
N VAL A 235 -3.39 16.34 -22.73
CA VAL A 235 -3.12 15.29 -23.71
C VAL A 235 -1.62 15.17 -23.92
N GLY A 236 -1.12 13.92 -23.92
CA GLY A 236 0.28 13.66 -24.09
C GLY A 236 1.12 13.75 -22.84
N GLU A 237 0.57 14.28 -21.74
CA GLU A 237 1.33 14.45 -20.52
C GLU A 237 1.53 13.10 -19.84
N GLU A 238 2.75 12.84 -19.39
CA GLU A 238 3.04 11.58 -18.68
C GLU A 238 2.28 11.52 -17.37
N LEU A 239 1.76 10.32 -17.06
CA LEU A 239 1.08 10.05 -15.80
C LEU A 239 2.08 9.47 -14.80
N THR A 240 2.04 9.97 -13.57
CA THR A 240 2.94 9.50 -12.52
C THR A 240 2.17 9.22 -11.25
N ILE A 241 2.71 8.29 -10.43
CA ILE A 241 2.26 8.10 -9.05
C ILE A 241 3.49 8.20 -8.18
N CYS A 242 3.27 8.37 -6.88
CA CYS A 242 4.37 8.33 -5.92
C CYS A 242 4.48 6.89 -5.40
N TYR A 243 5.63 6.26 -5.63
CA TYR A 243 5.85 4.89 -5.17
C TYR A 243 5.94 4.79 -3.66
N LEU A 244 6.11 5.90 -2.96
CA LEU A 244 6.60 5.91 -1.59
C LEU A 244 5.63 6.60 -0.61
N ASP A 245 5.74 6.19 0.65
CA ASP A 245 5.19 6.93 1.79
C ASP A 245 5.59 8.40 1.69
N MET A 246 4.62 9.30 1.82
CA MET A 246 4.91 10.73 1.77
C MET A 246 5.76 11.21 2.93
N LEU A 247 5.74 10.50 4.06
CA LEU A 247 6.44 10.92 5.27
C LEU A 247 7.85 10.33 5.23
N MET A 248 8.64 10.90 4.32
CA MET A 248 10.01 10.49 4.05
C MET A 248 10.79 11.71 3.60
N THR A 249 12.04 11.83 4.08
CA THR A 249 12.94 12.87 3.61
C THR A 249 13.51 12.49 2.23
N SER A 250 14.13 13.48 1.56
CA SER A 250 14.73 13.20 0.25
C SER A 250 15.85 12.17 0.35
N GLU A 251 16.59 12.15 1.47
CA GLU A 251 17.62 11.13 1.64
C GLU A 251 17.01 9.75 1.75
N GLU A 252 15.91 9.63 2.49
CA GLU A 252 15.22 8.35 2.64
C GLU A 252 14.63 7.90 1.30
N ARG A 253 14.03 8.83 0.55
CA ARG A 253 13.52 8.48 -0.77
C ARG A 253 14.64 8.05 -1.69
N ARG A 254 15.79 8.75 -1.63
CA ARG A 254 16.92 8.36 -2.47
C ARG A 254 17.34 6.93 -2.20
N LYS A 255 17.44 6.55 -0.93
CA LYS A 255 17.88 5.20 -0.59
C LYS A 255 16.89 4.15 -1.11
N GLN A 256 15.59 4.36 -0.91
CA GLN A 256 14.64 3.33 -1.32
CA GLN A 256 14.62 3.35 -1.32
C GLN A 256 14.52 3.27 -2.84
N LEU A 257 14.58 4.42 -3.52
CA LEU A 257 14.47 4.40 -4.97
C LEU A 257 15.71 3.76 -5.60
N ARG A 258 16.89 3.93 -5.00
CA ARG A 258 18.05 3.20 -5.48
C ARG A 258 17.94 1.70 -5.18
N ASP A 259 17.62 1.37 -3.93
CA ASP A 259 17.69 -0.02 -3.48
C ASP A 259 16.66 -0.87 -4.19
N GLN A 260 15.43 -0.39 -4.29
CA GLN A 260 14.34 -1.19 -4.82
C GLN A 260 14.12 -0.95 -6.31
N TYR A 261 14.28 0.29 -6.78
CA TYR A 261 13.86 0.65 -8.13
C TYR A 261 15.02 1.04 -9.04
N CYS A 262 16.25 1.06 -8.53
CA CYS A 262 17.44 1.34 -9.35
C CYS A 262 17.31 2.63 -10.16
N PHE A 263 16.84 3.71 -9.52
CA PHE A 263 16.98 5.00 -10.21
C PHE A 263 17.21 6.13 -9.22
N GLU A 264 17.70 7.24 -9.79
CA GLU A 264 17.95 8.49 -9.10
C GLU A 264 16.84 9.44 -9.51
N CYS A 265 16.14 10.03 -8.54
CA CYS A 265 14.98 10.87 -8.85
C CYS A 265 15.42 12.31 -9.08
N ASP A 266 15.01 12.86 -10.22
CA ASP A 266 15.40 14.20 -10.64
C ASP A 266 14.33 15.25 -10.35
N CYS A 267 13.27 14.92 -9.61
CA CYS A 267 12.15 15.85 -9.50
C CYS A 267 12.55 17.09 -8.69
N PHE A 268 11.70 18.12 -8.74
CA PHE A 268 12.01 19.39 -8.06
C PHE A 268 12.17 19.18 -6.57
N ARG A 269 11.34 18.33 -5.98
CA ARG A 269 11.43 18.12 -4.53
C ARG A 269 12.77 17.52 -4.14
N CYS A 270 13.30 16.60 -4.96
CA CYS A 270 14.57 15.97 -4.61
C CYS A 270 15.74 16.93 -4.85
N GLN A 271 15.65 17.75 -5.89
CA GLN A 271 16.70 18.73 -6.16
CA GLN A 271 16.74 18.69 -6.13
C GLN A 271 16.82 19.76 -5.04
N THR A 272 15.71 20.08 -4.37
CA THR A 272 15.69 21.16 -3.38
C THR A 272 15.49 20.69 -1.94
N GLN A 273 15.50 19.38 -1.70
CA GLN A 273 15.24 18.84 -0.36
C GLN A 273 13.93 19.39 0.20
N ASP A 274 12.94 19.52 -0.66
CA ASP A 274 11.64 20.11 -0.30
C ASP A 274 11.02 19.43 0.91
N LYS A 275 10.78 20.22 1.96
CA LYS A 275 10.14 19.88 3.23
C LYS A 275 11.07 19.11 4.18
N ASP A 276 12.30 18.77 3.78
CA ASP A 276 13.18 17.97 4.64
C ASP A 276 13.38 18.64 6.00
N ALA A 277 13.71 19.93 6.00
CA ALA A 277 14.02 20.61 7.24
C ALA A 277 12.82 20.64 8.17
N ASP A 278 11.63 20.92 7.63
CA ASP A 278 10.43 20.91 8.46
C ASP A 278 10.16 19.51 9.01
N MET A 279 10.44 18.47 8.23
CA MET A 279 10.18 17.11 8.66
C MET A 279 11.07 16.68 9.82
N LEU A 280 12.23 17.33 9.99
CA LEU A 280 13.22 16.92 10.97
C LEU A 280 13.39 17.95 12.08
N THR A 281 12.33 18.70 12.40
CA THR A 281 12.45 19.66 13.49
C THR A 281 12.50 18.94 14.83
N GLY A 282 13.04 19.64 15.83
CA GLY A 282 13.27 19.04 17.13
C GLY A 282 14.72 18.60 17.29
N ASP A 283 14.97 17.94 18.41
CA ASP A 283 16.33 17.56 18.76
C ASP A 283 16.71 16.25 18.08
N GLU A 284 17.85 16.25 17.39
CA GLU A 284 18.22 15.12 16.56
C GLU A 284 18.40 13.86 17.39
N GLN A 285 19.02 13.97 18.57
CA GLN A 285 19.23 12.77 19.37
C GLN A 285 17.91 12.13 19.75
N VAL A 286 16.90 12.95 20.02
CA VAL A 286 15.57 12.43 20.34
C VAL A 286 14.94 11.77 19.12
N TRP A 287 14.94 12.44 17.96
CA TRP A 287 14.20 11.79 16.88
C TRP A 287 14.98 10.62 16.29
N LYS A 288 16.31 10.59 16.42
CA LYS A 288 17.04 9.38 16.09
C LYS A 288 16.58 8.21 16.95
N GLU A 289 16.34 8.44 18.25
CA GLU A 289 15.87 7.37 19.11
C GLU A 289 14.46 6.94 18.73
N VAL A 290 13.60 7.90 18.37
CA VAL A 290 12.23 7.55 17.99
C VAL A 290 12.22 6.79 16.66
N GLN A 291 13.07 7.22 15.72
CA GLN A 291 13.18 6.50 14.46
C GLN A 291 13.61 5.06 14.69
N GLU A 292 14.52 4.85 15.64
CA GLU A 292 14.92 3.49 16.00
C GLU A 292 13.76 2.70 16.58
N SER A 293 13.05 3.28 17.56
CA SER A 293 11.90 2.60 18.17
C SER A 293 10.84 2.27 17.14
N LEU A 294 10.69 3.11 16.10
CA LEU A 294 9.65 2.88 15.10
C LEU A 294 9.86 1.61 14.29
N LYS A 295 11.09 1.10 14.23
CA LYS A 295 11.30 -0.18 13.55
C LYS A 295 10.48 -1.27 14.21
N LYS A 296 10.50 -1.32 15.54
CA LYS A 296 9.71 -2.30 16.27
C LYS A 296 8.23 -1.93 16.24
N ILE A 297 7.90 -0.64 16.39
CA ILE A 297 6.50 -0.24 16.34
C ILE A 297 5.86 -0.64 15.02
N GLU A 298 6.58 -0.39 13.91
CA GLU A 298 6.05 -0.73 12.59
C GLU A 298 5.85 -2.24 12.45
N GLU A 299 6.80 -3.03 12.97
CA GLU A 299 6.65 -4.49 12.92
C GLU A 299 5.44 -4.94 13.70
N LEU A 300 5.27 -4.41 14.92
CA LEU A 300 4.10 -4.76 15.73
C LEU A 300 2.80 -4.37 15.04
N LYS A 301 2.75 -3.17 14.46
CA LYS A 301 1.56 -2.74 13.75
C LYS A 301 1.27 -3.65 12.56
N ALA A 302 2.30 -4.03 11.82
CA ALA A 302 2.11 -4.89 10.65
C ALA A 302 1.47 -6.22 11.03
N HIS A 303 1.69 -6.68 12.26
CA HIS A 303 1.09 -7.90 12.79
C HIS A 303 -0.15 -7.63 13.65
N TRP A 304 -0.68 -6.41 13.61
CA TRP A 304 -1.96 -6.08 14.26
C TRP A 304 -1.88 -6.23 15.78
N LYS A 305 -0.69 -6.03 16.35
CA LYS A 305 -0.47 -6.16 17.80
C LYS A 305 -0.71 -4.82 18.50
N TRP A 306 -1.99 -4.44 18.56
CA TRP A 306 -2.37 -3.06 18.89
C TRP A 306 -2.00 -2.68 20.32
N GLU A 307 -2.20 -3.59 21.28
CA GLU A 307 -1.85 -3.25 22.66
C GLU A 307 -0.35 -2.99 22.78
N GLN A 308 0.48 -3.79 22.12
CA GLN A 308 1.92 -3.57 22.16
C GLN A 308 2.31 -2.29 21.42
N VAL A 309 1.66 -2.02 20.27
CA VAL A 309 1.90 -0.76 19.56
C VAL A 309 1.61 0.42 20.47
N LEU A 310 0.45 0.41 21.12
CA LEU A 310 0.05 1.55 21.95
C LEU A 310 1.01 1.75 23.11
N ALA A 311 1.42 0.66 23.76
CA ALA A 311 2.35 0.77 24.89
C ALA A 311 3.63 1.48 24.48
N MET A 312 4.23 1.08 23.35
CA MET A 312 5.46 1.73 22.89
C MET A 312 5.21 3.18 22.49
N CYS A 313 4.07 3.45 21.86
CA CYS A 313 3.80 4.81 21.41
C CYS A 313 3.56 5.74 22.60
N GLN A 314 2.85 5.27 23.62
CA GLN A 314 2.61 6.11 24.79
C GLN A 314 3.90 6.46 25.51
N ALA A 315 4.86 5.53 25.52
CA ALA A 315 6.15 5.79 26.15
C ALA A 315 6.91 6.91 25.46
N ILE A 316 6.59 7.19 24.19
CA ILE A 316 7.19 8.29 23.45
C ILE A 316 6.35 9.56 23.56
N ILE A 317 5.06 9.45 23.26
CA ILE A 317 4.18 10.62 23.27
C ILE A 317 4.15 11.24 24.66
N SER A 318 4.10 10.42 25.70
CA SER A 318 4.05 10.87 27.08
C SER A 318 5.33 10.58 27.83
N SER A 319 6.47 10.65 27.14
CA SER A 319 7.75 10.35 27.77
C SER A 319 8.05 11.33 28.90
N ASN A 320 8.70 10.81 29.94
CA ASN A 320 9.25 11.70 30.95
C ASN A 320 10.41 12.51 30.40
N SER A 321 11.11 11.98 29.38
CA SER A 321 12.26 12.63 28.78
C SER A 321 11.82 13.54 27.63
N GLU A 322 12.79 14.07 26.90
CA GLU A 322 12.56 15.10 25.88
C GLU A 322 11.61 14.60 24.80
N ARG A 323 10.81 15.53 24.30
CA ARG A 323 9.76 15.23 23.33
C ARG A 323 10.01 15.96 22.02
N LEU A 324 9.26 15.54 20.99
CA LEU A 324 9.38 16.06 19.64
C LEU A 324 8.13 16.86 19.24
N PRO A 325 8.29 17.86 18.38
CA PRO A 325 7.12 18.50 17.79
C PRO A 325 6.34 17.54 16.90
N ASP A 326 5.02 17.75 16.83
CA ASP A 326 4.16 16.85 16.06
C ASP A 326 4.45 16.90 14.56
N ILE A 327 5.11 17.95 14.07
CA ILE A 327 5.45 17.98 12.65
C ILE A 327 6.72 17.23 12.34
N ASN A 328 7.49 16.81 13.34
CA ASN A 328 8.58 15.88 13.08
C ASN A 328 7.99 14.57 12.58
N ILE A 329 8.51 14.03 11.47
CA ILE A 329 7.80 12.92 10.83
C ILE A 329 7.87 11.65 11.66
N TYR A 330 8.88 11.48 12.51
CA TYR A 330 8.94 10.28 13.34
C TYR A 330 7.97 10.39 14.51
N GLN A 331 7.87 11.57 15.12
CA GLN A 331 6.79 11.85 16.06
C GLN A 331 5.42 11.63 15.42
N LEU A 332 5.25 12.14 14.19
CA LEU A 332 3.97 12.01 13.51
C LEU A 332 3.60 10.55 13.27
N LYS A 333 4.58 9.73 12.90
CA LYS A 333 4.34 8.31 12.71
C LYS A 333 3.90 7.66 14.01
N VAL A 334 4.51 8.06 15.12
CA VAL A 334 4.14 7.51 16.43
C VAL A 334 2.69 7.89 16.76
N LEU A 335 2.30 9.14 16.50
CA LEU A 335 0.91 9.55 16.74
C LEU A 335 -0.06 8.76 15.87
N ASP A 336 0.30 8.56 14.60
CA ASP A 336 -0.53 7.79 13.67
C ASP A 336 -0.74 6.37 14.19
N CYS A 337 0.34 5.70 14.58
CA CYS A 337 0.24 4.33 15.07
C CYS A 337 -0.55 4.28 16.36
N ALA A 338 -0.34 5.27 17.25
CA ALA A 338 -1.10 5.30 18.49
C ALA A 338 -2.58 5.50 18.22
N MET A 339 -2.91 6.37 17.27
CA MET A 339 -4.30 6.60 16.89
C MET A 339 -4.93 5.31 16.37
N ASP A 340 -4.26 4.65 15.42
CA ASP A 340 -4.82 3.44 14.84
C ASP A 340 -4.95 2.33 15.87
N ALA A 341 -4.00 2.23 16.80
CA ALA A 341 -4.11 1.23 17.86
C ALA A 341 -5.32 1.52 18.74
N CYS A 342 -5.47 2.78 19.14
CA CYS A 342 -6.61 3.14 19.99
C CYS A 342 -7.93 2.86 19.29
N ILE A 343 -8.03 3.15 17.98
CA ILE A 343 -9.27 2.87 17.26
C ILE A 343 -9.57 1.39 17.28
N ASN A 344 -8.56 0.57 16.99
CA ASN A 344 -8.77 -0.88 16.96
C ASN A 344 -9.04 -1.44 18.35
N LEU A 345 -8.61 -0.76 19.40
CA LEU A 345 -8.86 -1.19 20.77
C LEU A 345 -10.10 -0.53 21.38
N GLY A 346 -10.81 0.31 20.64
CA GLY A 346 -11.98 0.97 21.19
C GLY A 346 -11.71 2.10 22.16
N LEU A 347 -10.48 2.60 22.22
CA LEU A 347 -10.13 3.72 23.10
C LEU A 347 -10.34 5.01 22.30
N LEU A 348 -11.61 5.40 22.18
CA LEU A 348 -11.97 6.40 21.18
C LEU A 348 -11.61 7.81 21.62
N GLU A 349 -11.66 8.13 22.91
CA GLU A 349 -11.25 9.45 23.36
C GLU A 349 -9.75 9.66 23.15
N GLU A 350 -8.94 8.66 23.49
CA GLU A 350 -7.50 8.77 23.30
C GLU A 350 -7.15 8.79 21.81
N ALA A 351 -7.85 8.00 21.01
CA ALA A 351 -7.64 8.03 19.55
C ALA A 351 -7.85 9.42 19.00
N LEU A 352 -8.91 10.10 19.44
CA LEU A 352 -9.20 11.44 18.94
C LEU A 352 -8.12 12.43 19.35
N PHE A 353 -7.58 12.30 20.56
CA PHE A 353 -6.50 13.19 20.98
C PHE A 353 -5.31 13.07 20.04
N TYR A 354 -4.87 11.85 19.77
CA TYR A 354 -3.75 11.67 18.85
C TYR A 354 -4.12 12.09 17.44
N GLY A 355 -5.29 11.67 16.95
CA GLY A 355 -5.67 12.00 15.58
C GLY A 355 -5.78 13.49 15.32
N THR A 356 -6.37 14.24 16.26
CA THR A 356 -6.49 15.67 16.08
CA THR A 356 -6.49 15.68 16.06
C THR A 356 -5.11 16.31 15.95
N ARG A 357 -4.14 15.82 16.72
CA ARG A 357 -2.80 16.40 16.66
C ARG A 357 -2.15 16.20 15.30
N THR A 358 -2.52 15.14 14.57
CA THR A 358 -1.92 14.89 13.25
C THR A 358 -2.50 15.77 12.15
N MET A 359 -3.61 16.47 12.39
CA MET A 359 -4.32 17.10 11.30
C MET A 359 -3.49 18.18 10.61
N GLU A 360 -2.86 19.06 11.38
CA GLU A 360 -2.07 20.12 10.73
C GLU A 360 -0.82 19.56 10.07
N PRO A 361 -0.03 18.68 10.70
CA PRO A 361 1.07 18.05 9.96
C PRO A 361 0.63 17.36 8.68
N TYR A 362 -0.53 16.69 8.69
CA TYR A 362 -1.02 16.02 7.48
C TYR A 362 -1.38 17.03 6.39
N ARG A 363 -1.93 18.18 6.78
CA ARG A 363 -2.22 19.19 5.78
C ARG A 363 -0.95 19.62 5.06
N ILE A 364 0.16 19.70 5.78
CA ILE A 364 1.42 20.17 5.21
C ILE A 364 2.08 19.09 4.35
N PHE A 365 2.07 17.85 4.82
CA PHE A 365 2.87 16.82 4.17
C PHE A 365 2.12 16.02 3.10
N PHE A 366 0.82 16.21 2.98
CA PHE A 366 0.00 15.56 1.94
C PHE A 366 -0.70 16.63 1.13
N PRO A 367 0.05 17.45 0.39
CA PRO A 367 -0.59 18.54 -0.35
C PRO A 367 -1.52 18.01 -1.44
N GLY A 368 -2.47 18.87 -1.83
CA GLY A 368 -3.40 18.50 -2.87
C GLY A 368 -4.38 17.44 -2.36
N SER A 369 -4.63 16.43 -3.19
CA SER A 369 -5.56 15.35 -2.86
C SER A 369 -4.77 14.05 -2.78
N HIS A 370 -4.63 13.52 -1.56
CA HIS A 370 -3.88 12.29 -1.33
C HIS A 370 -4.79 11.34 -0.54
N PRO A 371 -4.90 10.08 -0.96
CA PRO A 371 -5.83 9.17 -0.27
C PRO A 371 -5.52 8.96 1.20
N VAL A 372 -4.24 9.03 1.60
CA VAL A 372 -3.89 8.78 2.99
C VAL A 372 -4.38 9.92 3.88
N ARG A 373 -4.28 11.16 3.41
CA ARG A 373 -4.85 12.26 4.19
C ARG A 373 -6.37 12.19 4.21
N GLY A 374 -6.99 11.85 3.07
CA GLY A 374 -8.44 11.63 3.06
C GLY A 374 -8.88 10.65 4.13
N VAL A 375 -8.20 9.49 4.22
CA VAL A 375 -8.54 8.47 5.21
C VAL A 375 -8.32 8.99 6.63
N GLN A 376 -7.22 9.68 6.86
CA GLN A 376 -6.92 10.22 8.18
C GLN A 376 -8.00 11.20 8.63
N VAL A 377 -8.39 12.11 7.74
CA VAL A 377 -9.39 13.11 8.09
C VAL A 377 -10.73 12.42 8.35
N MET A 378 -11.05 11.39 7.55
CA MET A 378 -12.28 10.62 7.80
C MET A 378 -12.25 9.96 9.17
N LYS A 379 -11.11 9.37 9.55
CA LYS A 379 -10.99 8.75 10.86
C LYS A 379 -11.27 9.74 11.98
N VAL A 380 -10.70 10.95 11.86
CA VAL A 380 -10.89 11.98 12.88
C VAL A 380 -12.35 12.45 12.90
N GLY A 381 -12.92 12.71 11.73
CA GLY A 381 -14.32 13.11 11.68
C GLY A 381 -15.24 12.07 12.30
N LYS A 382 -14.98 10.80 12.01
CA LYS A 382 -15.79 9.73 12.59
C LYS A 382 -15.65 9.67 14.11
N LEU A 383 -14.43 9.84 14.62
CA LEU A 383 -14.25 9.89 16.07
C LEU A 383 -15.01 11.05 16.69
N GLN A 384 -15.03 12.21 16.02
CA GLN A 384 -15.76 13.36 16.54
C GLN A 384 -17.27 13.13 16.47
N LEU A 385 -17.75 12.50 15.41
CA LEU A 385 -19.17 12.17 15.32
C LEU A 385 -19.59 11.30 16.49
N HIS A 386 -18.77 10.30 16.85
CA HIS A 386 -19.11 9.39 17.93
C HIS A 386 -19.10 10.08 19.29
N GLN A 387 -18.26 11.10 19.46
CA GLN A 387 -18.22 11.87 20.69
C GLN A 387 -19.22 13.02 20.72
N GLY A 388 -20.05 13.13 19.69
CA GLY A 388 -21.10 14.14 19.68
C GLY A 388 -20.69 15.53 19.29
N MET A 389 -19.50 15.70 18.70
CA MET A 389 -19.01 17.01 18.27
C MET A 389 -19.43 17.25 16.82
N PHE A 390 -20.74 17.51 16.65
CA PHE A 390 -21.32 17.48 15.31
C PHE A 390 -20.78 18.56 14.38
N PRO A 391 -20.66 19.83 14.79
CA PRO A 391 -20.12 20.82 13.84
C PRO A 391 -18.67 20.54 13.47
N GLN A 392 -17.87 20.06 14.41
CA GLN A 392 -16.48 19.75 14.11
C GLN A 392 -16.39 18.50 13.24
N ALA A 393 -17.20 17.48 13.55
CA ALA A 393 -17.23 16.27 12.73
C ALA A 393 -17.65 16.60 11.31
N MET A 394 -18.71 17.40 11.16
CA MET A 394 -19.20 17.72 9.82
C MET A 394 -18.13 18.41 8.98
N LYS A 395 -17.38 19.34 9.58
CA LYS A 395 -16.32 20.02 8.85
C LYS A 395 -15.27 19.02 8.35
N ASN A 396 -14.88 18.08 9.21
CA ASN A 396 -13.86 17.11 8.82
C ASN A 396 -14.40 16.06 7.87
N LEU A 397 -15.64 15.63 8.07
CA LEU A 397 -16.24 14.68 7.12
C LEU A 397 -16.40 15.32 5.75
N ARG A 398 -16.76 16.61 5.69
CA ARG A 398 -16.83 17.28 4.40
C ARG A 398 -15.45 17.43 3.77
N LEU A 399 -14.41 17.72 4.58
CA LEU A 399 -13.06 17.79 4.04
C LEU A 399 -12.61 16.42 3.54
N ALA A 400 -12.90 15.37 4.30
CA ALA A 400 -12.58 14.02 3.85
C ALA A 400 -13.28 13.71 2.53
N PHE A 401 -14.54 14.13 2.40
CA PHE A 401 -15.25 13.91 1.14
C PHE A 401 -14.62 14.70 -0.01
N ASP A 402 -14.20 15.95 0.24
CA ASP A 402 -13.58 16.74 -0.81
C ASP A 402 -12.30 16.07 -1.32
N ILE A 403 -11.55 15.44 -0.42
CA ILE A 403 -10.34 14.72 -0.81
C ILE A 403 -10.70 13.39 -1.49
N MET A 404 -11.57 12.62 -0.86
CA MET A 404 -11.80 11.25 -1.29
C MET A 404 -12.68 11.15 -2.53
N ARG A 405 -13.50 12.17 -2.83
CA ARG A 405 -14.17 12.18 -4.13
CA ARG A 405 -14.17 12.18 -4.13
C ARG A 405 -13.17 12.19 -5.26
N VAL A 406 -11.97 12.72 -5.03
CA VAL A 406 -10.90 12.73 -6.03
C VAL A 406 -10.06 11.46 -5.95
N THR A 407 -9.71 11.02 -4.75
CA THR A 407 -8.71 9.95 -4.61
C THR A 407 -9.34 8.57 -4.61
N HIS A 408 -10.57 8.46 -4.15
CA HIS A 408 -11.26 7.17 -4.02
C HIS A 408 -12.38 7.05 -5.04
N GLY A 409 -13.32 8.00 -5.04
CA GLY A 409 -14.36 8.03 -6.04
C GLY A 409 -15.50 7.07 -5.73
N ARG A 410 -16.54 7.18 -6.55
CA ARG A 410 -17.76 6.40 -6.32
C ARG A 410 -17.53 4.90 -6.43
N GLU A 411 -16.52 4.48 -7.20
CA GLU A 411 -16.23 3.07 -7.37
C GLU A 411 -15.60 2.42 -6.13
N HIS A 412 -15.22 3.22 -5.14
CA HIS A 412 -14.61 2.71 -3.91
C HIS A 412 -15.67 2.68 -2.82
N SER A 413 -15.77 1.53 -2.13
CA SER A 413 -16.83 1.34 -1.15
C SER A 413 -16.70 2.24 0.07
N LEU A 414 -15.50 2.76 0.34
CA LEU A 414 -15.34 3.65 1.49
C LEU A 414 -16.10 4.96 1.30
N ILE A 415 -16.30 5.39 0.05
CA ILE A 415 -17.03 6.62 -0.22
C ILE A 415 -18.49 6.47 0.20
N GLU A 416 -19.07 5.29 0.02
CA GLU A 416 -20.43 5.04 0.48
C GLU A 416 -20.50 5.10 2.01
N ASP A 417 -19.49 4.56 2.69
CA ASP A 417 -19.42 4.66 4.15
C ASP A 417 -19.35 6.11 4.59
N LEU A 418 -18.56 6.92 3.87
CA LEU A 418 -18.41 8.32 4.23
C LEU A 418 -19.72 9.09 4.03
N ILE A 419 -20.45 8.76 2.96
CA ILE A 419 -21.72 9.45 2.71
C ILE A 419 -22.72 9.17 3.83
N LEU A 420 -22.69 7.96 4.37
CA LEU A 420 -23.58 7.63 5.49
C LEU A 420 -23.21 8.40 6.74
N LEU A 421 -21.90 8.58 7.00
CA LEU A 421 -21.48 9.39 8.14
C LEU A 421 -21.90 10.84 7.98
N LEU A 422 -21.79 11.37 6.75
CA LEU A 422 -22.18 12.76 6.49
C LEU A 422 -23.68 12.96 6.71
N GLU A 423 -24.49 11.99 6.28
CA GLU A 423 -25.94 12.10 6.46
C GLU A 423 -26.31 11.96 7.93
N GLU A 424 -25.63 11.08 8.67
CA GLU A 424 -25.89 10.95 10.10
C GLU A 424 -25.50 12.22 10.85
N CYS A 425 -24.32 12.77 10.53
CA CYS A 425 -23.91 13.99 11.18
C CYS A 425 -24.84 15.16 10.83
N ASP A 426 -25.31 15.20 9.58
CA ASP A 426 -26.20 16.29 9.16
C ASP A 426 -27.55 16.19 9.87
N ALA A 427 -28.10 14.99 9.98
CA ALA A 427 -29.38 14.82 10.69
C ALA A 427 -29.27 15.26 12.14
N ASN A 428 -28.11 15.02 12.77
CA ASN A 428 -27.91 15.48 14.14
C ASN A 428 -27.88 17.01 14.21
N ILE A 429 -27.20 17.65 13.26
CA ILE A 429 -27.13 19.11 13.28
C ILE A 429 -28.52 19.71 13.09
N ARG A 430 -29.31 19.14 12.19
CA ARG A 430 -30.64 19.68 11.92
C ARG A 430 -31.60 19.52 13.10
N ALA A 431 -31.36 18.56 13.99
CA ALA A 431 -32.20 18.37 15.18
C ALA A 431 -31.75 19.22 16.36
N SER A 432 -30.74 20.07 16.18
CA SER A 432 -30.12 20.79 17.30
C SER A 432 -30.69 22.20 17.46
#